data_6ZDI
#
_entry.id   6ZDI
#
_cell.length_a   91.254
_cell.length_b   91.254
_cell.length_c   133.167
_cell.angle_alpha   90.000
_cell.angle_beta   90.000
_cell.angle_gamma   90.000
#
_symmetry.space_group_name_H-M   'I 4 2 2'
#
loop_
_entity.id
_entity.type
_entity.pdbx_description
1 polymer '17-beta-hydroxysteroid dehydrogenase 14'
2 non-polymer NICOTINAMIDE-ADENINE-DINUCLEOTIDE
3 non-polymer 'SODIUM ION'
4 non-polymer 2-fluoranyl-5-nitro-phenol
5 water water
#
_entity_poly.entity_id   1
_entity_poly.type   'polypeptide(L)'
_entity_poly.pdbx_seq_one_letter_code
;MATGTRYAGKVVVVTGGGRGIGAGIVRAFVNSGARVVICDKDESGGRALEQELPGAVFILCDVTQEDDVKTLVSETIRRF
GRLDCVVNNAGHHPPPQRPEETSAQGFRQLLELNLLGTYTLTKLALPYLRKSQGNVINISSLVGAIGQAQAVPYVATKGA
VTAMTKALALDESPYGVRVNCISPGNIWTPLWEELAALMPDPRASIREGMLAQPLGRMGQPAEVGAAAVFLASEANFCTG
IELLVTGGAELGYGCKASRSTPVDAPDIPS
;
_entity_poly.pdbx_strand_id   A
#
# COMPACT_ATOMS: atom_id res chain seq x y z
N THR A 5 -13.50 9.23 -15.41
CA THR A 5 -12.63 10.40 -15.66
C THR A 5 -12.21 11.26 -14.43
N ARG A 6 -12.30 10.74 -13.20
CA ARG A 6 -11.93 11.57 -12.06
C ARG A 6 -10.43 11.81 -12.00
N TYR A 7 -9.63 10.94 -12.62
CA TYR A 7 -8.18 11.02 -12.61
C TYR A 7 -7.62 10.79 -14.01
N ALA A 8 -8.39 11.17 -15.02
CA ALA A 8 -8.00 11.09 -16.43
C ALA A 8 -6.73 11.89 -16.71
N GLY A 9 -5.92 11.36 -17.62
CA GLY A 9 -4.69 12.03 -18.01
C GLY A 9 -3.55 11.88 -17.02
N LYS A 10 -3.80 11.24 -15.89
CA LYS A 10 -2.83 11.06 -14.82
C LYS A 10 -2.13 9.71 -14.94
N VAL A 11 -0.93 9.63 -14.36
CA VAL A 11 -0.10 8.44 -14.40
C VAL A 11 0.20 8.01 -12.98
N VAL A 12 -0.07 6.73 -12.66
CA VAL A 12 -0.03 6.22 -11.30
C VAL A 12 0.89 5.00 -11.26
N VAL A 13 1.78 4.96 -10.26
CA VAL A 13 2.60 3.78 -9.99
C VAL A 13 2.07 3.15 -8.71
N VAL A 14 1.74 1.87 -8.78
CA VAL A 14 1.31 1.09 -7.63
C VAL A 14 2.33 -0.02 -7.44
N THR A 15 2.96 -0.05 -6.29
CA THR A 15 3.85 -1.17 -5.96
C THR A 15 3.05 -2.28 -5.30
N GLY A 16 3.58 -3.49 -5.43
CA GLY A 16 2.85 -4.67 -4.98
C GLY A 16 1.48 -4.78 -5.63
N GLY A 17 1.36 -4.32 -6.88
CA GLY A 17 0.10 -4.26 -7.58
C GLY A 17 -0.37 -5.52 -8.28
N GLY A 18 0.38 -6.62 -8.20
CA GLY A 18 0.01 -7.81 -8.94
C GLY A 18 -1.09 -8.64 -8.31
N ARG A 19 -1.32 -8.49 -7.00
CA ARG A 19 -2.43 -9.18 -6.34
C ARG A 19 -2.86 -8.39 -5.11
N GLY A 20 -3.94 -8.85 -4.50
CA GLY A 20 -4.34 -8.33 -3.18
C GLY A 20 -4.77 -6.87 -3.23
N ILE A 21 -4.44 -6.15 -2.17
CA ILE A 21 -4.82 -4.75 -2.07
C ILE A 21 -4.29 -3.96 -3.27
N GLY A 22 -3.02 -4.16 -3.62
CA GLY A 22 -2.44 -3.45 -4.74
C GLY A 22 -3.25 -3.65 -6.02
N ALA A 23 -3.63 -4.90 -6.30
CA ALA A 23 -4.45 -5.18 -7.47
C ALA A 23 -5.78 -4.43 -7.41
N GLY A 24 -6.38 -4.35 -6.22
CA GLY A 24 -7.58 -3.52 -6.06
C GLY A 24 -7.31 -2.05 -6.32
N ILE A 25 -6.17 -1.55 -5.84
CA ILE A 25 -5.81 -0.15 -6.10
C ILE A 25 -5.57 0.08 -7.60
N VAL A 26 -4.81 -0.81 -8.25
CA VAL A 26 -4.63 -0.71 -9.70
C VAL A 26 -5.97 -0.60 -10.41
N ARG A 27 -6.91 -1.51 -10.09
CA ARG A 27 -8.19 -1.51 -10.78
C ARG A 27 -8.97 -0.23 -10.50
N ALA A 28 -8.93 0.25 -9.26
CA ALA A 28 -9.63 1.49 -8.92
C ALA A 28 -9.14 2.66 -9.78
N PHE A 29 -7.83 2.77 -9.97
CA PHE A 29 -7.27 3.92 -10.68
C PHE A 29 -7.52 3.82 -12.18
N VAL A 30 -7.44 2.60 -12.74
CA VAL A 30 -7.80 2.41 -14.15
C VAL A 30 -9.26 2.79 -14.38
N ASN A 31 -10.15 2.36 -13.48
CA ASN A 31 -11.57 2.70 -13.59
C ASN A 31 -11.79 4.20 -13.48
N SER A 32 -10.86 4.94 -12.89
CA SER A 32 -10.95 6.38 -12.78
C SER A 32 -10.34 7.11 -13.95
N GLY A 33 -9.78 6.38 -14.92
CA GLY A 33 -9.26 6.99 -16.14
C GLY A 33 -7.76 7.18 -16.16
N ALA A 34 -7.06 6.89 -15.07
CA ALA A 34 -5.62 7.00 -15.05
C ALA A 34 -4.98 5.87 -15.85
N ARG A 35 -3.74 6.11 -16.28
CA ARG A 35 -2.87 5.01 -16.67
C ARG A 35 -2.05 4.59 -15.47
N VAL A 36 -1.88 3.28 -15.31
CA VAL A 36 -1.30 2.72 -14.09
C VAL A 36 -0.10 1.88 -14.49
N VAL A 37 1.00 2.06 -13.77
CA VAL A 37 2.17 1.19 -13.90
C VAL A 37 2.10 0.22 -12.73
N ILE A 38 1.89 -1.05 -13.03
CA ILE A 38 1.90 -2.08 -11.97
C ILE A 38 3.35 -2.46 -11.71
N CYS A 39 3.82 -2.18 -10.50
CA CYS A 39 5.11 -2.67 -10.04
C CYS A 39 4.86 -3.88 -9.15
N ASP A 40 5.65 -4.93 -9.35
CA ASP A 40 5.61 -6.10 -8.47
C ASP A 40 6.87 -6.92 -8.71
N LYS A 41 7.32 -7.63 -7.68
CA LYS A 41 8.51 -8.46 -7.82
C LYS A 41 8.19 -9.86 -8.33
N ASP A 42 6.92 -10.25 -8.38
CA ASP A 42 6.48 -11.49 -9.02
C ASP A 42 5.78 -11.17 -10.34
N GLU A 43 6.09 -11.97 -11.37
CA GLU A 43 5.53 -11.76 -12.70
C GLU A 43 4.06 -12.15 -12.80
N SER A 44 3.66 -13.19 -12.07
CA SER A 44 2.42 -13.92 -12.37
C SER A 44 1.21 -12.99 -12.35
N GLY A 45 0.92 -12.38 -11.21
CA GLY A 45 -0.27 -11.55 -11.11
C GLY A 45 -0.21 -10.34 -12.02
N GLY A 46 0.90 -9.60 -11.95
CA GLY A 46 0.96 -8.31 -12.63
C GLY A 46 0.85 -8.42 -14.13
N ARG A 47 1.48 -9.43 -14.72
CA ARG A 47 1.41 -9.58 -16.18
C ARG A 47 0.01 -9.94 -16.63
N ALA A 48 -0.70 -10.76 -15.85
CA ALA A 48 -2.09 -11.05 -16.18
C ALA A 48 -2.93 -9.78 -16.12
N LEU A 49 -2.73 -8.98 -15.06
CA LEU A 49 -3.45 -7.73 -14.88
C LEU A 49 -3.26 -6.80 -16.07
N GLU A 50 -2.02 -6.72 -16.57
CA GLU A 50 -1.71 -5.85 -17.69
C GLU A 50 -2.41 -6.31 -18.96
N GLN A 51 -2.44 -7.62 -19.19
CA GLN A 51 -3.22 -8.15 -20.30
C GLN A 51 -4.70 -7.81 -20.14
N GLU A 52 -5.19 -7.83 -18.90
CA GLU A 52 -6.62 -7.64 -18.66
C GLU A 52 -7.07 -6.18 -18.78
N LEU A 53 -6.22 -5.22 -18.40
CA LEU A 53 -6.65 -3.83 -18.22
C LEU A 53 -5.99 -2.93 -19.24
N PRO A 54 -6.73 -2.42 -20.20
N PRO A 54 -6.77 -2.26 -20.09
CA PRO A 54 -6.20 -1.33 -21.03
CA PRO A 54 -6.16 -1.38 -21.10
C PRO A 54 -5.95 -0.10 -20.18
C PRO A 54 -5.16 -0.36 -20.55
N GLY A 55 -4.73 0.43 -20.28
N GLY A 55 -5.56 0.44 -19.57
CA GLY A 55 -4.30 1.52 -19.44
CA GLY A 55 -4.71 1.51 -19.09
C GLY A 55 -3.36 1.11 -18.31
C GLY A 55 -3.64 1.12 -18.09
N ALA A 56 -3.36 -0.18 -17.91
CA ALA A 56 -2.38 -0.68 -16.96
C ALA A 56 -1.28 -1.43 -17.70
N VAL A 57 -0.02 -1.19 -17.34
CA VAL A 57 1.10 -1.99 -17.82
C VAL A 57 1.91 -2.45 -16.62
N PHE A 58 2.71 -3.49 -16.84
CA PHE A 58 3.44 -4.14 -15.76
C PHE A 58 4.94 -3.97 -15.94
N ILE A 59 5.61 -3.53 -14.89
CA ILE A 59 7.07 -3.48 -14.86
C ILE A 59 7.55 -4.27 -13.65
N LEU A 60 8.35 -5.30 -13.90
CA LEU A 60 8.95 -6.03 -12.79
C LEU A 60 9.90 -5.12 -12.03
N CYS A 61 9.75 -5.10 -10.71
CA CYS A 61 10.56 -4.22 -9.86
C CYS A 61 10.46 -4.73 -8.44
N ASP A 62 11.61 -5.02 -7.82
CA ASP A 62 11.69 -5.37 -6.40
C ASP A 62 11.99 -4.08 -5.65
N VAL A 63 11.04 -3.61 -4.82
CA VAL A 63 11.19 -2.28 -4.21
C VAL A 63 12.36 -2.20 -3.23
N THR A 64 12.97 -3.32 -2.85
CA THR A 64 14.14 -3.29 -1.99
C THR A 64 15.43 -3.17 -2.77
N GLN A 65 15.38 -3.23 -4.10
CA GLN A 65 16.55 -3.09 -4.94
C GLN A 65 16.53 -1.69 -5.56
N GLU A 66 17.45 -0.82 -5.12
CA GLU A 66 17.39 0.57 -5.51
C GLU A 66 17.41 0.73 -7.03
N ASP A 67 18.29 0.00 -7.70
CA ASP A 67 18.37 0.14 -9.16
C ASP A 67 17.07 -0.26 -9.83
N ASP A 68 16.36 -1.27 -9.27
CA ASP A 68 15.04 -1.60 -9.80
C ASP A 68 14.11 -0.39 -9.70
N VAL A 69 14.11 0.26 -8.54
CA VAL A 69 13.26 1.44 -8.33
C VAL A 69 13.67 2.56 -9.29
N LYS A 70 14.98 2.81 -9.42
CA LYS A 70 15.47 3.81 -10.37
C LYS A 70 14.93 3.53 -11.76
N THR A 71 15.04 2.28 -12.20
CA THR A 71 14.56 1.91 -13.52
C THR A 71 13.04 2.01 -13.61
N LEU A 72 12.33 1.64 -12.53
CA LEU A 72 10.88 1.78 -12.53
C LEU A 72 10.45 3.21 -12.83
N VAL A 73 11.07 4.20 -12.18
CA VAL A 73 10.67 5.59 -12.39
C VAL A 73 11.04 6.05 -13.79
N SER A 74 12.25 5.76 -14.23
CA SER A 74 12.66 6.20 -15.56
C SER A 74 11.84 5.53 -16.65
N GLU A 75 11.44 4.28 -16.46
CA GLU A 75 10.57 3.66 -17.47
C GLU A 75 9.19 4.32 -17.47
N THR A 76 8.64 4.66 -16.30
CA THR A 76 7.34 5.31 -16.25
C THR A 76 7.34 6.64 -16.99
N ILE A 77 8.37 7.46 -16.76
CA ILE A 77 8.47 8.77 -17.41
C ILE A 77 8.69 8.60 -18.91
N ARG A 78 9.60 7.71 -19.29
CA ARG A 78 9.90 7.51 -20.70
C ARG A 78 8.65 7.03 -21.46
N ARG A 79 7.87 6.14 -20.85
CA ARG A 79 6.68 5.63 -21.55
C ARG A 79 5.48 6.57 -21.46
N PHE A 80 5.33 7.32 -20.37
CA PHE A 80 4.10 8.06 -20.15
C PHE A 80 4.28 9.56 -19.99
N GLY A 81 5.50 10.05 -19.73
CA GLY A 81 5.75 11.48 -19.86
C GLY A 81 5.44 12.32 -18.65
N ARG A 82 5.01 11.69 -17.55
CA ARG A 82 4.61 12.39 -16.33
C ARG A 82 4.40 11.35 -15.25
N LEU A 83 4.36 11.80 -14.00
CA LEU A 83 4.04 10.92 -12.88
C LEU A 83 3.24 11.74 -11.88
N ASP A 84 2.04 11.28 -11.56
CA ASP A 84 1.14 12.04 -10.71
C ASP A 84 0.95 11.43 -9.33
N CYS A 85 0.92 10.09 -9.23
CA CYS A 85 0.65 9.45 -7.95
C CYS A 85 1.52 8.22 -7.75
N VAL A 86 2.08 8.08 -6.55
CA VAL A 86 2.83 6.89 -6.17
C VAL A 86 2.09 6.22 -5.01
N VAL A 87 1.76 4.95 -5.17
CA VAL A 87 1.11 4.19 -4.11
C VAL A 87 2.11 3.16 -3.63
N ASN A 88 2.59 3.33 -2.40
CA ASN A 88 3.55 2.41 -1.80
C ASN A 88 2.77 1.35 -1.03
N ASN A 89 2.37 0.31 -1.75
CA ASN A 89 1.60 -0.80 -1.19
C ASN A 89 2.44 -2.05 -0.96
N ALA A 90 3.55 -2.23 -1.69
CA ALA A 90 4.38 -3.40 -1.48
C ALA A 90 4.76 -3.52 -0.01
N GLY A 91 4.52 -4.68 0.56
CA GLY A 91 4.83 -4.92 1.96
C GLY A 91 4.48 -6.35 2.29
N HIS A 92 4.91 -6.79 3.48
CA HIS A 92 4.65 -8.17 3.88
C HIS A 92 4.39 -8.25 5.38
N HIS A 93 3.51 -9.19 5.76
CA HIS A 93 3.28 -9.50 7.17
C HIS A 93 3.81 -10.90 7.47
N PRO A 94 4.86 -11.05 8.27
CA PRO A 94 5.35 -12.38 8.64
C PRO A 94 4.27 -13.16 9.38
N PRO A 95 4.43 -14.47 9.49
CA PRO A 95 3.52 -15.25 10.33
C PRO A 95 3.66 -14.85 11.78
N PRO A 96 2.69 -15.21 12.62
CA PRO A 96 2.78 -14.86 14.05
C PRO A 96 4.11 -15.30 14.64
N GLN A 97 4.73 -14.40 15.39
CA GLN A 97 6.00 -14.68 16.05
C GLN A 97 5.99 -14.02 17.41
N ARG A 98 6.25 -14.83 18.45
CA ARG A 98 6.44 -14.30 19.78
C ARG A 98 7.68 -13.40 19.81
N PRO A 99 7.74 -12.43 20.73
CA PRO A 99 8.89 -11.52 20.76
C PRO A 99 10.24 -12.23 20.77
N GLU A 100 10.39 -13.26 21.60
CA GLU A 100 11.66 -13.96 21.73
C GLU A 100 11.99 -14.79 20.49
N GLU A 101 11.02 -15.01 19.61
CA GLU A 101 11.28 -15.75 18.39
C GLU A 101 11.76 -14.85 17.27
N THR A 102 11.59 -13.54 17.39
CA THR A 102 12.07 -12.59 16.40
C THR A 102 13.59 -12.45 16.51
N SER A 103 14.18 -11.86 15.47
CA SER A 103 15.60 -11.59 15.45
C SER A 103 15.83 -10.21 14.88
N ALA A 104 16.96 -9.62 15.23
CA ALA A 104 17.33 -8.34 14.65
C ALA A 104 17.52 -8.43 13.14
N GLN A 105 17.85 -9.62 12.62
CA GLN A 105 18.05 -9.82 11.19
C GLN A 105 16.73 -9.81 10.45
N GLY A 106 15.75 -10.57 10.94
CA GLY A 106 14.45 -10.56 10.32
C GLY A 106 13.79 -9.19 10.41
N PHE A 107 13.99 -8.52 11.55
CA PHE A 107 13.49 -7.16 11.74
C PHE A 107 14.02 -6.23 10.63
N ARG A 108 15.34 -6.25 10.40
CA ARG A 108 15.92 -5.38 9.37
C ARG A 108 15.37 -5.71 7.99
N GLN A 109 15.24 -7.01 7.69
CA GLN A 109 14.70 -7.41 6.39
C GLN A 109 13.29 -6.88 6.22
N LEU A 110 12.47 -6.95 7.28
CA LEU A 110 11.12 -6.42 7.18
C LEU A 110 11.16 -4.91 7.00
N LEU A 111 12.08 -4.23 7.70
CA LEU A 111 12.20 -2.79 7.53
C LEU A 111 12.60 -2.44 6.10
N GLU A 112 13.43 -3.28 5.46
CA GLU A 112 13.82 -3.02 4.07
C GLU A 112 12.60 -3.00 3.16
N LEU A 113 11.70 -3.98 3.31
CA LEU A 113 10.53 -4.03 2.46
C LEU A 113 9.48 -2.99 2.86
N ASN A 114 9.03 -3.03 4.11
CA ASN A 114 7.85 -2.27 4.50
C ASN A 114 8.12 -0.77 4.63
N LEU A 115 9.35 -0.37 4.90
CA LEU A 115 9.63 1.03 5.22
C LEU A 115 10.62 1.63 4.23
N LEU A 116 11.78 1.01 4.05
CA LEU A 116 12.79 1.55 3.16
C LEU A 116 12.40 1.45 1.70
N GLY A 117 11.67 0.39 1.33
CA GLY A 117 11.15 0.31 -0.04
C GLY A 117 10.22 1.46 -0.37
N THR A 118 9.33 1.79 0.55
CA THR A 118 8.47 2.96 0.41
C THR A 118 9.30 4.24 0.34
N TYR A 119 10.33 4.34 1.18
CA TYR A 119 11.13 5.55 1.20
C TYR A 119 11.85 5.76 -0.13
N THR A 120 12.37 4.69 -0.72
CA THR A 120 13.22 4.83 -1.90
C THR A 120 12.40 5.28 -3.12
N LEU A 121 11.26 4.62 -3.37
CA LEU A 121 10.44 5.02 -4.49
C LEU A 121 9.95 6.44 -4.33
N THR A 122 9.51 6.80 -3.12
CA THR A 122 9.06 8.15 -2.88
C THR A 122 10.15 9.16 -3.20
N LYS A 123 11.37 8.92 -2.71
CA LYS A 123 12.51 9.80 -2.97
C LYS A 123 12.76 9.97 -4.48
N LEU A 124 12.84 8.85 -5.21
CA LEU A 124 13.13 8.92 -6.64
C LEU A 124 11.97 9.55 -7.42
N ALA A 125 10.75 9.45 -6.91
CA ALA A 125 9.58 9.96 -7.64
C ALA A 125 9.27 11.42 -7.34
N LEU A 126 9.66 11.91 -6.16
CA LEU A 126 9.27 13.27 -5.76
C LEU A 126 9.65 14.35 -6.76
N PRO A 127 10.81 14.30 -7.44
CA PRO A 127 11.09 15.35 -8.43
C PRO A 127 10.03 15.44 -9.52
N TYR A 128 9.49 14.29 -9.95
CA TYR A 128 8.46 14.32 -10.97
C TYR A 128 7.11 14.69 -10.39
N LEU A 129 6.84 14.30 -9.14
CA LEU A 129 5.59 14.66 -8.49
C LEU A 129 5.53 16.15 -8.22
N ARG A 130 6.68 16.78 -7.94
CA ARG A 130 6.71 18.22 -7.77
C ARG A 130 6.29 18.93 -9.06
N LYS A 131 6.79 18.45 -10.22
CA LYS A 131 6.41 19.08 -11.49
C LYS A 131 4.93 18.93 -11.77
N SER A 132 4.30 17.87 -11.28
CA SER A 132 2.90 17.62 -11.61
C SER A 132 1.96 17.99 -10.48
N GLN A 133 2.48 18.56 -9.39
CA GLN A 133 1.73 18.72 -8.16
C GLN A 133 1.01 17.42 -7.79
N GLY A 134 1.74 16.31 -7.91
CA GLY A 134 1.20 15.00 -7.62
C GLY A 134 1.12 14.73 -6.12
N ASN A 135 1.01 13.45 -5.79
CA ASN A 135 0.79 13.08 -4.39
C ASN A 135 1.28 11.65 -4.15
N VAL A 136 1.55 11.38 -2.87
CA VAL A 136 2.08 10.09 -2.41
C VAL A 136 1.06 9.47 -1.47
N ILE A 137 0.79 8.18 -1.64
CA ILE A 137 -0.15 7.45 -0.80
C ILE A 137 0.56 6.19 -0.28
N ASN A 138 0.84 6.14 1.01
CA ASN A 138 1.41 4.95 1.62
C ASN A 138 0.31 4.07 2.19
N ILE A 139 0.42 2.76 1.96
CA ILE A 139 -0.46 1.77 2.58
C ILE A 139 0.21 1.33 3.86
N SER A 140 -0.32 1.74 5.00
CA SER A 140 0.26 1.42 6.30
C SER A 140 -0.56 0.30 6.93
N SER A 141 -1.05 0.42 8.15
CA SER A 141 -1.92 -0.55 8.80
C SER A 141 -2.48 0.06 10.06
N LEU A 142 -3.70 -0.38 10.40
CA LEU A 142 -4.29 -0.04 11.69
C LEU A 142 -3.41 -0.48 12.86
N VAL A 143 -2.65 -1.57 12.71
CA VAL A 143 -1.91 -2.09 13.87
C VAL A 143 -0.64 -1.30 14.14
N GLY A 144 -0.24 -0.40 13.23
CA GLY A 144 0.77 0.59 13.57
C GLY A 144 0.29 1.56 14.64
N ALA A 145 -1.00 1.91 14.62
CA ALA A 145 -1.55 2.83 15.62
C ALA A 145 -1.95 2.14 16.92
N ILE A 146 -2.43 0.89 16.86
CA ILE A 146 -3.01 0.24 18.04
C ILE A 146 -2.27 -1.02 18.45
N GLY A 147 -1.25 -1.45 17.71
CA GLY A 147 -0.54 -2.67 18.03
C GLY A 147 -1.31 -3.90 17.60
N GLN A 148 -0.66 -5.05 17.75
CA GLN A 148 -1.14 -6.38 17.36
C GLN A 148 -0.31 -7.40 18.11
N ALA A 149 -0.92 -8.52 18.47
CA ALA A 149 -0.18 -9.55 19.17
C ALA A 149 0.70 -10.31 18.18
N GLN A 150 1.89 -10.71 18.65
CA GLN A 150 2.85 -11.53 17.91
C GLN A 150 3.21 -10.92 16.56
N ALA A 151 3.59 -9.63 16.59
CA ALA A 151 3.95 -8.94 15.36
C ALA A 151 4.77 -7.69 15.64
N VAL A 152 5.69 -7.78 16.59
CA VAL A 152 6.53 -6.65 16.97
C VAL A 152 7.21 -6.06 15.74
N PRO A 153 7.97 -6.82 14.93
CA PRO A 153 8.63 -6.18 13.80
C PRO A 153 7.64 -5.56 12.82
N TYR A 154 6.58 -6.28 12.46
CA TYR A 154 5.61 -5.77 11.50
C TYR A 154 4.96 -4.49 12.01
N VAL A 155 4.50 -4.49 13.26
CA VAL A 155 3.87 -3.30 13.83
C VAL A 155 4.84 -2.12 13.78
N ALA A 156 6.08 -2.34 14.21
CA ALA A 156 7.10 -1.31 14.13
C ALA A 156 7.25 -0.75 12.70
N THR A 157 7.25 -1.61 11.67
CA THR A 157 7.42 -1.08 10.31
C THR A 157 6.27 -0.17 9.94
N LYS A 158 5.05 -0.50 10.36
CA LYS A 158 3.92 0.34 10.01
C LYS A 158 3.84 1.58 10.89
N GLY A 159 4.32 1.50 12.13
CA GLY A 159 4.46 2.71 12.92
C GLY A 159 5.34 3.73 12.22
N ALA A 160 6.46 3.28 11.65
CA ALA A 160 7.35 4.21 10.97
C ALA A 160 6.71 4.78 9.71
N VAL A 161 5.92 3.97 8.99
CA VAL A 161 5.31 4.43 7.74
C VAL A 161 4.34 5.57 8.00
N THR A 162 3.48 5.41 9.02
CA THR A 162 2.47 6.42 9.30
C THR A 162 3.13 7.73 9.74
N ALA A 163 4.15 7.64 10.60
CA ALA A 163 4.87 8.81 11.07
C ALA A 163 5.63 9.47 9.93
N MET A 164 6.44 8.70 9.19
CA MET A 164 7.12 9.20 8.00
C MET A 164 6.17 9.92 7.04
N THR A 165 4.95 9.43 6.91
CA THR A 165 3.97 10.07 6.03
C THR A 165 3.68 11.49 6.49
N LYS A 166 3.61 11.70 7.80
CA LYS A 166 3.34 13.03 8.33
C LYS A 166 4.57 13.93 8.19
N ALA A 167 5.76 13.40 8.45
CA ALA A 167 6.98 14.18 8.27
C ALA A 167 7.17 14.58 6.81
N LEU A 168 6.89 13.68 5.88
CA LEU A 168 7.06 14.01 4.47
C LEU A 168 6.03 15.03 4.02
N ALA A 169 4.80 14.92 4.54
CA ALA A 169 3.77 15.89 4.20
C ALA A 169 4.17 17.31 4.61
N LEU A 170 4.89 17.43 5.73
CA LEU A 170 5.40 18.73 6.17
C LEU A 170 6.44 19.26 5.19
N ASP A 171 7.42 18.41 4.85
CA ASP A 171 8.52 18.85 4.00
C ASP A 171 8.03 19.24 2.62
N GLU A 172 7.04 18.52 2.10
CA GLU A 172 6.63 18.67 0.71
C GLU A 172 5.44 19.61 0.53
N SER A 173 4.74 19.98 1.60
CA SER A 173 3.62 20.92 1.47
C SER A 173 4.00 22.25 0.79
N PRO A 174 5.15 22.88 1.07
CA PRO A 174 5.48 24.10 0.32
C PRO A 174 5.60 23.88 -1.18
N TYR A 175 5.84 22.64 -1.63
CA TYR A 175 6.01 22.36 -3.04
C TYR A 175 4.74 21.82 -3.68
N GLY A 176 3.61 21.88 -2.98
CA GLY A 176 2.36 21.38 -3.53
C GLY A 176 2.21 19.88 -3.66
N VAL A 177 3.06 19.09 -3.00
CA VAL A 177 2.98 17.65 -3.05
C VAL A 177 2.32 17.14 -1.77
N ARG A 178 1.14 16.54 -1.89
CA ARG A 178 0.46 16.00 -0.71
C ARG A 178 0.93 14.58 -0.45
N VAL A 179 1.00 14.22 0.84
CA VAL A 179 1.49 12.91 1.26
C VAL A 179 0.55 12.38 2.33
N ASN A 180 -0.15 11.29 2.02
CA ASN A 180 -1.12 10.70 2.93
C ASN A 180 -0.88 9.20 3.00
N CYS A 181 -1.51 8.56 3.98
CA CYS A 181 -1.47 7.11 4.08
C CYS A 181 -2.87 6.55 4.33
N ILE A 182 -3.05 5.29 3.97
CA ILE A 182 -4.25 4.53 4.30
C ILE A 182 -3.86 3.47 5.32
N SER A 183 -4.63 3.35 6.40
CA SER A 183 -4.42 2.31 7.39
C SER A 183 -5.56 1.30 7.27
N PRO A 184 -5.40 0.24 6.49
CA PRO A 184 -6.44 -0.77 6.43
C PRO A 184 -6.42 -1.63 7.69
N GLY A 185 -7.57 -2.20 8.00
CA GLY A 185 -7.61 -3.27 8.99
C GLY A 185 -7.62 -4.62 8.30
N ASN A 186 -8.45 -5.54 8.77
CA ASN A 186 -8.54 -6.85 8.13
C ASN A 186 -9.12 -6.70 6.71
N ILE A 187 -8.28 -6.97 5.72
CA ILE A 187 -8.67 -6.99 4.32
C ILE A 187 -8.40 -8.39 3.79
N TRP A 188 -9.41 -9.03 3.21
CA TRP A 188 -9.30 -10.37 2.67
C TRP A 188 -8.44 -10.35 1.40
N THR A 189 -7.23 -10.88 1.51
CA THR A 189 -6.25 -10.87 0.42
C THR A 189 -5.56 -12.23 0.39
N PRO A 190 -4.78 -12.54 -0.63
CA PRO A 190 -4.01 -13.79 -0.58
C PRO A 190 -3.11 -13.86 0.64
N LEU A 191 -2.63 -12.71 1.13
CA LEU A 191 -1.79 -12.75 2.32
C LEU A 191 -2.59 -13.15 3.55
N TRP A 192 -3.77 -12.53 3.74
CA TRP A 192 -4.62 -12.94 4.85
C TRP A 192 -4.96 -14.42 4.74
N GLU A 193 -5.24 -14.88 3.51
CA GLU A 193 -5.58 -16.28 3.29
C GLU A 193 -4.37 -17.19 3.54
N GLU A 194 -3.18 -16.77 3.11
CA GLU A 194 -1.97 -17.57 3.39
C GLU A 194 -1.75 -17.72 4.89
N LEU A 195 -1.81 -16.60 5.64
CA LEU A 195 -1.62 -16.66 7.08
C LEU A 195 -2.65 -17.56 7.75
N ALA A 196 -3.91 -17.48 7.32
CA ALA A 196 -4.93 -18.33 7.91
C ALA A 196 -4.60 -19.80 7.71
N ALA A 197 -4.04 -20.16 6.55
CA ALA A 197 -3.79 -21.57 6.24
C ALA A 197 -2.77 -22.18 7.19
N LEU A 198 -1.87 -21.38 7.75
CA LEU A 198 -0.91 -21.79 8.78
C LEU A 198 -1.52 -21.86 10.17
N MET A 199 -2.78 -21.52 10.32
CA MET A 199 -3.35 -21.69 11.65
C MET A 199 -3.87 -23.11 11.81
N PRO A 200 -3.85 -23.63 13.04
CA PRO A 200 -4.42 -24.97 13.29
C PRO A 200 -5.80 -25.13 12.69
N ASP A 201 -6.67 -24.16 12.90
CA ASP A 201 -8.03 -24.16 12.37
C ASP A 201 -8.16 -22.95 11.45
N PRO A 202 -7.85 -23.08 10.16
CA PRO A 202 -7.96 -21.92 9.26
C PRO A 202 -9.32 -21.26 9.26
N ARG A 203 -10.41 -22.03 9.24
CA ARG A 203 -11.72 -21.38 9.15
C ARG A 203 -12.09 -20.68 10.45
N ALA A 204 -11.61 -21.21 11.58
CA ALA A 204 -11.76 -20.49 12.85
C ALA A 204 -11.01 -19.16 12.81
N SER A 205 -9.78 -19.16 12.29
CA SER A 205 -9.00 -17.93 12.22
C SER A 205 -9.69 -16.89 11.34
N ILE A 206 -10.24 -17.31 10.20
CA ILE A 206 -10.94 -16.38 9.31
C ILE A 206 -12.22 -15.86 9.96
N ARG A 207 -12.96 -16.72 10.65
CA ARG A 207 -14.19 -16.28 11.30
C ARG A 207 -13.88 -15.31 12.42
N GLU A 208 -12.80 -15.56 13.16
CA GLU A 208 -12.34 -14.61 14.15
C GLU A 208 -11.96 -13.28 13.50
N GLY A 209 -11.34 -13.34 12.31
CA GLY A 209 -10.94 -12.11 11.63
C GLY A 209 -12.11 -11.25 11.21
N MET A 210 -13.19 -11.89 10.75
CA MET A 210 -14.39 -11.14 10.37
C MET A 210 -15.01 -10.44 11.57
N LEU A 211 -15.07 -11.12 12.71
CA LEU A 211 -15.76 -10.58 13.88
C LEU A 211 -14.95 -9.52 14.60
N ALA A 212 -13.66 -9.40 14.31
CA ALA A 212 -12.85 -8.35 14.91
C ALA A 212 -13.32 -6.96 14.52
N GLN A 213 -14.21 -6.82 13.48
CA GLN A 213 -14.85 -5.57 13.01
C GLN A 213 -16.30 -5.52 13.45
N PRO A 214 -16.77 -4.37 13.92
CA PRO A 214 -18.21 -4.21 14.14
C PRO A 214 -19.05 -4.47 12.90
N LEU A 215 -18.59 -4.08 11.71
CA LEU A 215 -19.33 -4.37 10.49
C LEU A 215 -19.50 -5.87 10.24
N GLY A 216 -18.72 -6.71 10.92
CA GLY A 216 -18.90 -8.14 10.85
C GLY A 216 -18.27 -8.85 9.67
N ARG A 217 -17.58 -8.13 8.77
CA ARG A 217 -16.86 -8.76 7.69
C ARG A 217 -15.48 -8.13 7.59
N MET A 218 -14.60 -8.77 6.82
CA MET A 218 -13.36 -8.12 6.45
C MET A 218 -13.59 -7.16 5.28
N GLY A 219 -12.58 -6.32 5.00
CA GLY A 219 -12.65 -5.39 3.89
C GLY A 219 -12.20 -5.99 2.56
N GLN A 220 -12.50 -5.27 1.49
CA GLN A 220 -12.08 -5.75 0.18
C GLN A 220 -11.01 -4.83 -0.39
N PRO A 221 -10.07 -5.39 -1.17
CA PRO A 221 -9.09 -4.52 -1.85
C PRO A 221 -9.74 -3.38 -2.63
N ALA A 222 -10.92 -3.61 -3.23
CA ALA A 222 -11.61 -2.54 -3.96
C ALA A 222 -11.97 -1.36 -3.06
N GLU A 223 -12.21 -1.61 -1.77
CA GLU A 223 -12.56 -0.54 -0.86
C GLU A 223 -11.33 0.27 -0.45
N VAL A 224 -10.17 -0.38 -0.35
CA VAL A 224 -8.92 0.36 -0.24
C VAL A 224 -8.62 1.12 -1.53
N GLY A 225 -8.94 0.52 -2.68
CA GLY A 225 -8.77 1.23 -3.93
C GLY A 225 -9.57 2.52 -3.99
N ALA A 226 -10.84 2.46 -3.57
CA ALA A 226 -11.67 3.65 -3.57
C ALA A 226 -11.10 4.73 -2.66
N ALA A 227 -10.61 4.33 -1.48
CA ALA A 227 -10.00 5.30 -0.60
C ALA A 227 -8.78 5.92 -1.26
N ALA A 228 -8.00 5.14 -2.01
CA ALA A 228 -6.79 5.66 -2.62
C ALA A 228 -7.11 6.65 -3.74
N VAL A 229 -8.12 6.34 -4.56
CA VAL A 229 -8.52 7.25 -5.61
C VAL A 229 -9.04 8.56 -5.02
N PHE A 230 -9.75 8.47 -3.90
CA PHE A 230 -10.21 9.68 -3.23
C PHE A 230 -9.04 10.55 -2.79
N LEU A 231 -8.03 9.94 -2.17
CA LEU A 231 -6.89 10.73 -1.70
C LEU A 231 -6.17 11.40 -2.87
N ALA A 232 -6.10 10.72 -4.02
CA ALA A 232 -5.37 11.28 -5.16
C ALA A 232 -6.15 12.38 -5.85
N SER A 233 -7.45 12.17 -6.09
CA SER A 233 -8.20 13.00 -7.03
C SER A 233 -9.07 14.06 -6.38
N GLU A 234 -9.45 13.90 -5.11
CA GLU A 234 -10.46 14.76 -4.49
C GLU A 234 -10.11 15.25 -3.10
N ALA A 235 -8.88 15.06 -2.65
CA ALA A 235 -8.59 15.34 -1.25
C ALA A 235 -7.50 16.40 -1.18
N ASN A 236 -7.66 17.49 -1.93
CA ASN A 236 -6.55 18.42 -2.12
C ASN A 236 -6.25 19.26 -0.88
N PHE A 237 -7.14 19.31 0.10
CA PHE A 237 -6.83 19.94 1.37
C PHE A 237 -6.44 18.90 2.43
N CYS A 238 -6.19 17.65 2.03
CA CYS A 238 -5.75 16.58 2.91
C CYS A 238 -4.26 16.31 2.68
N THR A 239 -3.45 16.48 3.73
CA THR A 239 -2.08 16.01 3.67
C THR A 239 -1.68 15.54 5.05
N GLY A 240 -0.78 14.56 5.09
CA GLY A 240 -0.39 13.96 6.34
C GLY A 240 -1.46 13.19 7.07
N ILE A 241 -2.56 12.79 6.40
CA ILE A 241 -3.65 12.13 7.12
C ILE A 241 -3.45 10.62 7.07
N GLU A 242 -4.16 9.94 7.96
CA GLU A 242 -4.17 8.49 8.06
C GLU A 242 -5.62 8.10 7.87
N LEU A 243 -5.97 7.63 6.67
CA LEU A 243 -7.34 7.27 6.35
C LEU A 243 -7.60 5.84 6.82
N LEU A 244 -8.50 5.68 7.79
CA LEU A 244 -8.76 4.36 8.37
C LEU A 244 -9.75 3.58 7.52
N VAL A 245 -9.35 2.41 7.04
CA VAL A 245 -10.25 1.55 6.29
C VAL A 245 -10.27 0.21 7.01
N THR A 246 -11.06 0.14 8.08
CA THR A 246 -10.94 -0.92 9.06
C THR A 246 -12.25 -1.57 9.47
N GLY A 247 -13.40 -1.12 8.95
CA GLY A 247 -14.68 -1.60 9.42
C GLY A 247 -14.95 -1.31 10.88
N GLY A 248 -14.18 -0.42 11.49
CA GLY A 248 -14.39 -0.03 12.87
C GLY A 248 -13.69 -0.88 13.90
N ALA A 249 -12.63 -1.60 13.52
CA ALA A 249 -11.99 -2.51 14.47
C ALA A 249 -11.42 -1.80 15.67
N GLU A 250 -11.03 -0.52 15.51
CA GLU A 250 -10.41 0.24 16.60
C GLU A 250 -11.42 0.75 17.61
N LEU A 251 -12.72 0.65 17.32
CA LEU A 251 -13.74 1.21 18.20
C LEU A 251 -14.12 0.21 19.28
N GLY A 252 -14.36 0.73 20.49
CA GLY A 252 -15.05 -0.03 21.51
C GLY A 252 -14.24 -1.15 22.14
N TYR A 253 -14.85 -1.75 23.15
CA TYR A 253 -14.25 -2.84 23.91
C TYR A 253 -14.35 -4.17 23.18
N GLY A 254 -13.37 -5.02 23.41
CA GLY A 254 -13.41 -6.36 22.84
C GLY A 254 -12.69 -7.35 23.71
N CYS A 255 -12.51 -8.56 23.21
CA CYS A 255 -11.87 -9.61 23.98
C CYS A 255 -10.38 -9.61 23.67
N LYS A 256 -9.56 -9.25 24.66
CA LYS A 256 -8.11 -9.12 24.45
C LYS A 256 -7.28 -10.11 25.25
#